data_6M7T
#
_entry.id   6M7T
#
_cell.length_a   65.650
_cell.length_b   80.930
_cell.length_c   140.380
_cell.angle_alpha   90.00
_cell.angle_beta   90.00
_cell.angle_gamma   90.00
#
_symmetry.space_group_name_H-M   'P 21 21 21'
#
loop_
_entity.id
_entity.type
_entity.pdbx_description
1 polymer 'DNA polymerase eta'
2 polymer "DNA (5'-D(*AP*GP*TP*GP*TP*GP*AP*G)-3')"
3 polymer "DNA (5'-D(*AP*TP*(02I)P*CP*TP*CP*AP*CP*AP*CP*T)-3')"
4 non-polymer 'NICKEL (II) ION'
5 non-polymer "THYMIDINE-5'-TRIPHOSPHATE"
6 non-polymer 'CALCIUM ION'
7 non-polymer 1,2-ETHANEDIOL
8 non-polymer GLYCEROL
9 water water
#
loop_
_entity_poly.entity_id
_entity_poly.type
_entity_poly.pdbx_seq_one_letter_code
_entity_poly.pdbx_strand_id
1 'polypeptide(L)'
;GPHMATGQDRVVALVDMDCFFVQVEQRQNPHLRNKPCAVVQYKSWKGGGIIAVSYEARAFGVTRSMWADDAKKLCPDLLL
AQVRESRGKANLTKYREASVEVMEIMSRFAVIERASIDEAYVDLTSAVQERLQKLQGQPISADLLPSTYIEGLPQGPTTA
EETVQKEGMRKQGLFQWLDSLQIDNLTSPDLQLTVGAVIVEEMRAAIERETGFQCSAGISHNKVLAKLACGLNKPNRQTL
VSHGSVPQLFSQMPIRKIRSLGGKLGASVIEILGIEYMGELTQFTESQLQSHFGEKNGSWLYAMCRGIEHDPVKPRQLPK
TIGCSKNFPGKTALATREQVQWWLLQLAQELEERLTKDRNDNDRVATQLVVSIRVQGDKRLSSLRRCCALTRYDAHKMSH
DAFTVIKNCNTSGIQTEWSPPLTMLFLCATKFSAS
;
A
2 'polydeoxyribonucleotide' (DA)(DG)(DT)(DG)(DT)(DG)(DA)(DG) P
3 'polydeoxyribonucleotide' (DA)(DT)(02I)(DC)(DT)(DC)(DA)(DC)(DA)(DC)(DT) T
#
loop_
_chem_comp.id
_chem_comp.type
_chem_comp.name
_chem_comp.formula
02I DNA linking '(6S,7S,8S,10R)-4-amino-8-hydroxy-7,8,9,10-tetrahydro-6H-7,10-epoxyazepino[1,2-e]purin-6-yl dihydrogen phosphate' 'C10 H12 N5 O6 P'
CA non-polymer 'CALCIUM ION' 'Ca 2'
DA DNA linking 2'-DEOXYADENOSINE-5'-MONOPHOSPHATE 'C10 H14 N5 O6 P'
DC DNA linking 2'-DEOXYCYTIDINE-5'-MONOPHOSPHATE 'C9 H14 N3 O7 P'
DG DNA linking 2'-DEOXYGUANOSINE-5'-MONOPHOSPHATE 'C10 H14 N5 O7 P'
DT DNA linking THYMIDINE-5'-MONOPHOSPHATE 'C10 H15 N2 O8 P'
EDO non-polymer 1,2-ETHANEDIOL 'C2 H6 O2'
GOL non-polymer GLYCEROL 'C3 H8 O3'
NI non-polymer 'NICKEL (II) ION' 'Ni 2'
TTP non-polymer THYMIDINE-5'-TRIPHOSPHATE 'C10 H17 N2 O14 P3'
#
# COMPACT_ATOMS: atom_id res chain seq x y z
N HIS A 3 7.03 -1.21 -28.36
CA HIS A 3 5.66 -1.59 -28.03
C HIS A 3 5.01 -0.60 -27.08
N MET A 4 5.51 0.64 -27.10
CA MET A 4 4.96 1.69 -26.25
C MET A 4 3.62 2.22 -26.76
N ALA A 5 3.40 2.25 -28.08
CA ALA A 5 2.16 2.79 -28.62
C ALA A 5 0.95 2.12 -27.96
N THR A 6 1.03 0.82 -27.71
CA THR A 6 -0.05 0.05 -27.09
C THR A 6 0.19 -0.16 -25.60
N GLY A 7 1.15 0.54 -25.01
CA GLY A 7 1.49 0.44 -23.61
C GLY A 7 1.78 -0.96 -23.11
N GLN A 8 2.58 -1.66 -23.91
CA GLN A 8 3.03 -3.01 -23.65
C GLN A 8 4.55 -3.04 -23.61
N ASP A 9 5.16 -1.90 -23.34
CA ASP A 9 6.61 -1.73 -23.34
C ASP A 9 7.31 -2.27 -22.09
N ARG A 10 6.60 -2.48 -20.97
CA ARG A 10 7.26 -2.96 -19.76
C ARG A 10 6.55 -4.18 -19.16
N VAL A 11 7.23 -4.79 -18.21
CA VAL A 11 6.68 -5.89 -17.42
C VAL A 11 6.78 -5.40 -15.98
N VAL A 12 5.63 -5.14 -15.38
CA VAL A 12 5.54 -4.64 -14.02
C VAL A 12 4.70 -5.59 -13.17
N ALA A 13 5.08 -5.74 -11.92
CA ALA A 13 4.35 -6.60 -11.01
C ALA A 13 4.13 -5.85 -9.70
N LEU A 14 3.06 -6.22 -9.01
CA LEU A 14 2.78 -5.66 -7.68
C LEU A 14 2.56 -6.79 -6.70
N VAL A 15 3.30 -6.78 -5.63
CA VAL A 15 3.25 -7.82 -4.60
C VAL A 15 2.66 -7.26 -3.32
N ASP A 16 1.61 -7.92 -2.82
CA ASP A 16 0.94 -7.51 -1.60
C ASP A 16 0.82 -8.70 -0.67
N MET A 17 1.28 -8.53 0.57
CA MET A 17 1.20 -9.59 1.57
C MET A 17 -0.22 -9.85 2.02
N ASP A 18 -0.57 -11.12 2.18
CA ASP A 18 -1.89 -11.48 2.69
C ASP A 18 -1.86 -11.31 4.20
N CYS A 19 -2.90 -10.68 4.76
CA CYS A 19 -3.02 -10.42 6.21
C CYS A 19 -1.64 -10.35 6.87
N PHE A 20 -0.88 -9.36 6.42
CA PHE A 20 0.51 -9.16 6.84
C PHE A 20 0.71 -9.27 8.35
N PHE A 21 0.01 -8.43 9.13
CA PHE A 21 0.18 -8.46 10.58
C PHE A 21 -0.15 -9.84 11.15
N VAL A 22 -1.18 -10.49 10.62
CA VAL A 22 -1.52 -11.80 11.12
C VAL A 22 -0.36 -12.76 10.86
N GLN A 23 0.23 -12.72 9.67
CA GLN A 23 1.33 -13.63 9.39
C GLN A 23 2.57 -13.35 10.22
N VAL A 24 2.87 -12.09 10.53
CA VAL A 24 4.04 -11.82 11.37
C VAL A 24 3.79 -12.37 12.77
N GLU A 25 2.55 -12.26 13.26
CA GLU A 25 2.22 -12.80 14.57
C GLU A 25 2.27 -14.32 14.56
N GLN A 26 1.79 -14.95 13.49
CA GLN A 26 1.80 -16.40 13.39
C GLN A 26 3.22 -16.91 13.37
N ARG A 27 4.18 -16.09 12.91
CA ARG A 27 5.54 -16.54 12.89
C ARG A 27 6.13 -16.58 14.30
N GLN A 28 5.70 -15.66 15.17
CA GLN A 28 6.19 -15.66 16.55
C GLN A 28 5.53 -16.72 17.42
N ASN A 29 4.19 -16.81 17.35
CA ASN A 29 3.46 -17.79 18.16
C ASN A 29 2.88 -18.82 17.20
N PRO A 30 3.55 -19.97 17.04
CA PRO A 30 3.07 -21.03 16.13
C PRO A 30 1.64 -21.51 16.30
N HIS A 31 1.11 -21.58 17.52
CA HIS A 31 -0.25 -22.09 17.69
C HIS A 31 -1.28 -21.30 16.89
N LEU A 32 -0.95 -20.10 16.42
CA LEU A 32 -1.94 -19.36 15.64
C LEU A 32 -1.95 -19.72 14.16
N ARG A 33 -0.96 -20.48 13.68
CA ARG A 33 -0.90 -20.83 12.28
C ARG A 33 -2.09 -21.70 11.85
N ASN A 34 -2.51 -21.52 10.60
CA ASN A 34 -3.61 -22.23 9.95
C ASN A 34 -4.81 -22.39 10.85
N LYS A 35 -5.14 -21.35 11.61
CA LYS A 35 -6.27 -21.31 12.51
C LYS A 35 -6.85 -19.91 12.49
N PRO A 36 -8.17 -19.77 12.68
CA PRO A 36 -8.76 -18.43 12.66
C PRO A 36 -8.22 -17.59 13.82
N CYS A 37 -7.61 -16.47 13.46
CA CYS A 37 -7.04 -15.56 14.45
C CYS A 37 -7.11 -14.14 13.92
N ALA A 38 -6.78 -13.20 14.79
CA ALA A 38 -6.81 -11.80 14.41
C ALA A 38 -5.79 -11.04 15.22
N VAL A 39 -5.58 -9.79 14.84
CA VAL A 39 -4.65 -8.92 15.53
C VAL A 39 -5.45 -7.70 15.88
N VAL A 40 -5.50 -7.41 17.18
CA VAL A 40 -6.20 -6.29 17.77
C VAL A 40 -5.27 -5.24 18.36
N GLN A 41 -5.82 -4.04 18.48
CA GLN A 41 -5.16 -2.89 19.08
C GLN A 41 -5.94 -2.82 20.38
N TYR A 42 -5.25 -2.93 21.51
CA TYR A 42 -5.98 -2.96 22.77
C TYR A 42 -6.77 -1.68 23.05
N LYS A 43 -8.08 -1.86 23.23
CA LYS A 43 -9.02 -0.82 23.59
C LYS A 43 -9.78 -1.45 24.73
N SER A 44 -9.87 -0.73 25.84
CA SER A 44 -10.56 -1.22 27.03
C SER A 44 -11.93 -1.82 26.72
N TRP A 45 -12.69 -1.16 25.87
CA TRP A 45 -14.02 -1.60 25.48
C TRP A 45 -14.06 -2.72 24.43
N LYS A 46 -14.67 -3.84 24.83
CA LYS A 46 -14.85 -5.07 24.03
C LYS A 46 -13.56 -5.80 23.64
N GLY A 47 -12.49 -5.72 24.41
CA GLY A 47 -11.30 -6.45 24.00
C GLY A 47 -10.42 -5.75 23.00
N GLY A 48 -10.84 -4.61 22.46
CA GLY A 48 -10.00 -3.95 21.49
C GLY A 48 -10.40 -4.19 20.04
N GLY A 49 -10.18 -3.16 19.23
CA GLY A 49 -10.49 -3.21 17.81
C GLY A 49 -9.56 -4.14 17.04
N ILE A 50 -10.12 -4.79 16.03
CA ILE A 50 -9.40 -5.75 15.19
C ILE A 50 -8.84 -5.03 13.99
N ILE A 51 -7.54 -5.21 13.74
CA ILE A 51 -6.87 -4.57 12.62
C ILE A 51 -6.43 -5.56 11.55
N ALA A 52 -6.13 -6.81 11.91
CA ALA A 52 -5.71 -7.78 10.88
C ALA A 52 -6.44 -9.10 11.07
N VAL A 53 -7.09 -9.59 10.02
CA VAL A 53 -7.86 -10.83 10.13
C VAL A 53 -7.33 -11.87 9.17
N SER A 54 -7.16 -13.09 9.67
CA SER A 54 -6.69 -14.23 8.88
C SER A 54 -7.78 -14.65 7.91
N TYR A 55 -7.38 -15.26 6.81
CA TYR A 55 -8.38 -15.70 5.84
C TYR A 55 -9.28 -16.78 6.44
N GLU A 56 -8.72 -17.65 7.29
CA GLU A 56 -9.53 -18.68 7.93
C GLU A 56 -10.69 -18.05 8.68
N ALA A 57 -10.44 -16.95 9.38
CA ALA A 57 -11.47 -16.26 10.15
C ALA A 57 -12.44 -15.47 9.30
N ARG A 58 -12.05 -15.07 8.08
CA ARG A 58 -12.96 -14.32 7.24
C ARG A 58 -14.14 -15.16 6.79
N ALA A 59 -13.98 -16.49 6.78
CA ALA A 59 -15.06 -17.38 6.37
C ALA A 59 -16.24 -17.26 7.32
N PHE A 60 -15.97 -17.01 8.59
CA PHE A 60 -16.98 -16.86 9.63
C PHE A 60 -17.63 -15.48 9.59
N GLY A 61 -17.24 -14.63 8.65
CA GLY A 61 -17.80 -13.30 8.55
C GLY A 61 -17.01 -12.25 9.30
N VAL A 62 -15.85 -12.60 9.84
CA VAL A 62 -15.03 -11.65 10.58
C VAL A 62 -14.45 -10.63 9.60
N THR A 63 -14.51 -9.36 10.00
CA THR A 63 -14.01 -8.22 9.23
C THR A 63 -13.24 -7.31 10.17
N ARG A 64 -12.50 -6.39 9.58
CA ARG A 64 -11.72 -5.43 10.36
C ARG A 64 -12.65 -4.32 10.85
N SER A 65 -12.20 -3.58 11.88
CA SER A 65 -12.99 -2.48 12.42
C SER A 65 -14.16 -2.95 13.28
N MET A 66 -14.07 -4.14 13.85
CA MET A 66 -15.16 -4.61 14.69
C MET A 66 -14.54 -5.24 15.93
N TRP A 67 -15.22 -4.97 17.04
CA TRP A 67 -14.81 -5.39 18.36
C TRP A 67 -14.58 -6.89 18.47
N ALA A 68 -13.51 -7.25 19.19
CA ALA A 68 -13.09 -8.64 19.39
C ALA A 68 -14.21 -9.50 19.94
N ASP A 69 -14.97 -9.01 20.92
CA ASP A 69 -16.04 -9.83 21.47
C ASP A 69 -17.14 -10.08 20.43
N ASP A 70 -17.46 -9.09 19.59
CA ASP A 70 -18.48 -9.34 18.58
C ASP A 70 -17.98 -10.33 17.54
N ALA A 71 -16.66 -10.34 17.31
CA ALA A 71 -16.11 -11.29 16.35
C ALA A 71 -16.09 -12.65 17.01
N LYS A 72 -15.88 -12.65 18.32
CA LYS A 72 -15.87 -13.89 19.08
C LYS A 72 -17.23 -14.53 18.90
N LYS A 73 -18.29 -13.73 19.06
CA LYS A 73 -19.63 -14.24 18.86
C LYS A 73 -19.75 -14.86 17.48
N LEU A 74 -19.24 -14.17 16.46
CA LEU A 74 -19.30 -14.71 15.10
C LEU A 74 -18.37 -15.91 14.90
N CYS A 75 -17.21 -15.93 15.57
CA CYS A 75 -16.23 -17.02 15.47
C CYS A 75 -15.73 -17.37 16.86
N PRO A 76 -16.52 -18.09 17.66
CA PRO A 76 -16.07 -18.41 19.03
C PRO A 76 -14.69 -19.05 19.17
N ASP A 77 -14.22 -19.82 18.19
CA ASP A 77 -12.89 -20.42 18.29
C ASP A 77 -11.75 -19.40 18.13
N LEU A 78 -12.04 -18.23 17.55
CA LEU A 78 -11.11 -17.13 17.25
C LEU A 78 -10.03 -16.87 18.31
N LEU A 79 -8.77 -16.89 17.87
CA LEU A 79 -7.59 -16.61 18.68
C LEU A 79 -7.16 -15.16 18.42
N LEU A 80 -6.66 -14.50 19.47
CA LEU A 80 -6.26 -13.10 19.42
C LEU A 80 -4.79 -12.82 19.70
N ALA A 81 -4.26 -11.83 18.99
CA ALA A 81 -2.89 -11.34 19.12
C ALA A 81 -3.06 -9.84 19.31
N GLN A 82 -2.28 -9.24 20.21
CA GLN A 82 -2.44 -7.83 20.52
C GLN A 82 -1.18 -6.99 20.31
N VAL A 83 -1.27 -6.03 19.39
CA VAL A 83 -0.16 -5.13 19.11
C VAL A 83 0.06 -4.21 20.30
N ARG A 84 1.31 -4.09 20.76
CA ARG A 84 1.56 -3.18 21.87
C ARG A 84 1.28 -1.73 21.46
N GLU A 85 0.89 -0.90 22.43
CA GLU A 85 0.57 0.50 22.15
C GLU A 85 1.67 1.31 22.83
N SER A 86 2.11 2.41 22.24
CA SER A 86 3.14 3.18 22.92
C SER A 86 2.99 4.68 22.64
N ARG A 87 3.09 5.48 23.71
CA ARG A 87 2.94 6.95 23.64
CA ARG A 87 2.94 6.95 23.64
C ARG A 87 1.79 7.33 22.72
N GLY A 88 0.66 6.66 22.95
CA GLY A 88 -0.63 6.81 22.31
C GLY A 88 -0.79 6.18 20.94
N LYS A 89 0.23 5.51 20.41
CA LYS A 89 0.05 4.88 19.11
C LYS A 89 0.62 3.47 19.08
N ALA A 90 0.29 2.79 17.99
CA ALA A 90 0.69 1.41 17.70
C ALA A 90 2.21 1.35 17.53
N ASN A 91 2.80 0.21 17.83
CA ASN A 91 4.23 0.04 17.68
C ASN A 91 4.36 -0.99 16.57
N LEU A 92 4.92 -0.54 15.44
CA LEU A 92 5.05 -1.36 14.25
C LEU A 92 6.48 -1.77 13.92
N THR A 93 7.41 -1.64 14.86
CA THR A 93 8.80 -2.03 14.60
C THR A 93 8.88 -3.44 14.01
N LYS A 94 8.13 -4.36 14.61
CA LYS A 94 8.12 -5.76 14.19
C LYS A 94 7.77 -5.90 12.72
N TYR A 95 6.72 -5.20 12.31
CA TYR A 95 6.25 -5.23 10.94
C TYR A 95 7.23 -4.58 10.00
N ARG A 96 7.77 -3.41 10.36
CA ARG A 96 8.74 -2.76 9.48
C ARG A 96 9.91 -3.69 9.23
N GLU A 97 10.37 -4.41 10.27
CA GLU A 97 11.50 -5.32 10.09
C GLU A 97 11.14 -6.51 9.21
N ALA A 98 9.90 -6.99 9.29
CA ALA A 98 9.54 -8.11 8.43
C ALA A 98 9.46 -7.61 6.99
N SER A 99 8.96 -6.39 6.84
CA SER A 99 8.85 -5.77 5.53
C SER A 99 10.22 -5.69 4.91
N VAL A 100 11.21 -5.18 5.68
CA VAL A 100 12.58 -5.06 5.18
C VAL A 100 13.11 -6.42 4.74
N GLU A 101 12.79 -7.46 5.52
CA GLU A 101 13.26 -8.80 5.14
C GLU A 101 12.79 -9.14 3.74
N VAL A 102 11.47 -9.03 3.54
CA VAL A 102 10.88 -9.37 2.25
C VAL A 102 11.41 -8.49 1.13
N MET A 103 11.49 -7.18 1.37
CA MET A 103 11.97 -6.28 0.32
C MET A 103 13.36 -6.69 -0.12
N GLU A 104 14.24 -7.01 0.84
CA GLU A 104 15.58 -7.45 0.50
C GLU A 104 15.52 -8.72 -0.34
N ILE A 105 14.58 -9.62 -0.03
CA ILE A 105 14.47 -10.85 -0.81
C ILE A 105 14.03 -10.56 -2.24
N MET A 106 13.09 -9.64 -2.40
CA MET A 106 12.59 -9.28 -3.73
C MET A 106 13.66 -8.58 -4.55
N SER A 107 14.45 -7.72 -3.90
CA SER A 107 15.49 -6.95 -4.58
C SER A 107 16.49 -7.82 -5.33
N ARG A 108 16.56 -9.11 -5.01
CA ARG A 108 17.50 -9.99 -5.69
C ARG A 108 17.04 -10.31 -7.11
N PHE A 109 15.73 -10.43 -7.32
CA PHE A 109 15.19 -10.79 -8.63
C PHE A 109 15.02 -9.62 -9.60
N ALA A 110 14.78 -8.41 -9.11
CA ALA A 110 14.58 -7.23 -9.94
C ALA A 110 14.49 -6.02 -9.03
N VAL A 111 14.68 -4.82 -9.60
CA VAL A 111 14.57 -3.63 -8.75
C VAL A 111 13.11 -3.41 -8.37
N ILE A 112 12.92 -2.95 -7.13
CA ILE A 112 11.58 -2.75 -6.59
C ILE A 112 11.42 -1.29 -6.19
N GLU A 113 10.15 -0.93 -6.00
CA GLU A 113 9.68 0.35 -5.49
C GLU A 113 8.82 0.04 -4.28
N ARG A 114 9.34 0.26 -3.09
CA ARG A 114 8.54 0.00 -1.90
C ARG A 114 7.37 0.97 -1.90
N ALA A 115 6.15 0.43 -1.92
CA ALA A 115 5.00 1.31 -1.97
C ALA A 115 4.24 1.43 -0.65
N SER A 116 4.48 0.52 0.28
CA SER A 116 3.84 0.57 1.59
C SER A 116 4.53 -0.47 2.45
N ILE A 117 4.03 -0.61 3.68
CA ILE A 117 4.61 -1.56 4.62
C ILE A 117 4.47 -3.00 4.14
N ASP A 118 3.48 -3.31 3.29
CA ASP A 118 3.28 -4.68 2.82
C ASP A 118 3.14 -4.81 1.31
N GLU A 119 3.57 -3.83 0.52
CA GLU A 119 3.42 -3.96 -0.92
C GLU A 119 4.56 -3.28 -1.64
N ALA A 120 4.88 -3.82 -2.82
CA ALA A 120 5.97 -3.24 -3.58
C ALA A 120 5.82 -3.52 -5.08
N TYR A 121 6.22 -2.56 -5.89
CA TYR A 121 6.18 -2.71 -7.33
C TYR A 121 7.53 -3.27 -7.77
N VAL A 122 7.53 -4.02 -8.87
CA VAL A 122 8.75 -4.64 -9.38
C VAL A 122 8.83 -4.41 -10.87
N ASP A 123 9.98 -3.94 -11.36
CA ASP A 123 10.16 -3.79 -12.81
C ASP A 123 10.96 -4.96 -13.34
N LEU A 124 10.28 -5.89 -14.03
CA LEU A 124 10.91 -7.10 -14.52
C LEU A 124 11.35 -7.04 -15.98
N THR A 125 11.23 -5.90 -16.66
CA THR A 125 11.63 -5.82 -18.07
C THR A 125 13.02 -6.40 -18.34
N SER A 126 14.03 -5.92 -17.59
CA SER A 126 15.39 -6.43 -17.80
C SER A 126 15.47 -7.93 -17.50
N ALA A 127 14.94 -8.34 -16.34
CA ALA A 127 14.97 -9.75 -16.01
C ALA A 127 14.24 -10.58 -17.06
N VAL A 128 13.17 -10.03 -17.64
CA VAL A 128 12.44 -10.77 -18.65
C VAL A 128 13.28 -10.95 -19.91
N GLN A 129 14.00 -9.91 -20.34
CA GLN A 129 14.86 -10.06 -21.50
C GLN A 129 15.93 -11.12 -21.26
N GLU A 130 16.65 -10.92 -20.18
CA GLU A 130 17.81 -11.77 -19.87
C GLU A 130 17.31 -13.21 -19.80
N ARG A 131 16.17 -13.43 -19.15
CA ARG A 131 15.65 -14.81 -19.07
C ARG A 131 15.22 -15.30 -20.45
N LEU A 132 14.71 -14.43 -21.31
CA LEU A 132 14.20 -14.85 -22.64
C LEU A 132 15.33 -15.47 -23.44
N GLN A 133 16.51 -14.88 -23.38
CA GLN A 133 17.66 -15.47 -24.10
C GLN A 133 18.00 -16.83 -23.48
N LYS A 134 17.93 -16.94 -22.17
CA LYS A 134 18.41 -18.18 -21.50
C LYS A 134 17.62 -19.38 -21.99
N LEU A 135 16.31 -19.27 -22.17
CA LEU A 135 15.66 -20.45 -22.78
C LEU A 135 14.90 -19.97 -24.01
N GLN A 136 15.34 -20.45 -25.16
CA GLN A 136 14.75 -20.07 -26.47
C GLN A 136 14.32 -21.37 -27.13
N GLY A 137 13.23 -21.32 -27.88
CA GLY A 137 12.67 -22.48 -28.59
C GLY A 137 11.87 -23.38 -27.67
N GLN A 138 12.47 -23.93 -26.61
CA GLN A 138 11.65 -24.76 -25.70
C GLN A 138 10.60 -23.85 -25.10
N PRO A 139 9.33 -24.30 -25.06
CA PRO A 139 8.24 -23.55 -24.52
C PRO A 139 8.19 -23.56 -22.99
N ILE A 140 7.17 -22.89 -22.51
CA ILE A 140 6.96 -22.67 -21.08
C ILE A 140 5.88 -23.62 -20.57
N SER A 141 6.27 -24.60 -19.77
CA SER A 141 5.33 -25.56 -19.23
C SER A 141 4.62 -25.01 -18.00
N ALA A 142 3.37 -25.45 -17.81
CA ALA A 142 2.54 -25.04 -16.69
C ALA A 142 3.19 -25.34 -15.34
N ASP A 143 4.21 -26.20 -15.30
CA ASP A 143 4.85 -26.49 -14.02
C ASP A 143 5.62 -25.30 -13.48
N LEU A 144 5.92 -24.31 -14.32
CA LEU A 144 6.61 -23.12 -13.84
C LEU A 144 5.65 -22.06 -13.32
N LEU A 145 4.35 -22.29 -13.43
CA LEU A 145 3.32 -21.34 -13.00
C LEU A 145 2.29 -22.05 -12.12
N PRO A 146 2.73 -22.63 -11.00
CA PRO A 146 1.80 -23.35 -10.11
C PRO A 146 0.70 -22.53 -9.47
N SER A 147 0.88 -21.22 -9.29
CA SER A 147 -0.14 -20.38 -8.65
C SER A 147 -0.55 -19.21 -9.52
N THR A 148 -0.39 -19.32 -10.83
CA THR A 148 -0.72 -18.22 -11.73
C THR A 148 -2.10 -18.40 -12.35
N TYR A 149 -2.85 -17.31 -12.39
CA TYR A 149 -4.16 -17.24 -12.99
C TYR A 149 -4.06 -16.33 -14.21
N ILE A 150 -4.66 -16.72 -15.31
CA ILE A 150 -4.66 -15.90 -16.51
C ILE A 150 -6.05 -15.26 -16.55
N GLU A 151 -6.09 -13.95 -16.31
CA GLU A 151 -7.37 -13.24 -16.29
C GLU A 151 -8.07 -13.33 -17.64
N GLY A 152 -9.35 -13.71 -17.59
CA GLY A 152 -10.17 -13.83 -18.78
C GLY A 152 -10.30 -15.23 -19.32
N LEU A 153 -9.50 -16.17 -18.84
CA LEU A 153 -9.53 -17.55 -19.29
C LEU A 153 -9.81 -18.47 -18.11
N PRO A 154 -10.35 -19.67 -18.35
CA PRO A 154 -10.75 -20.21 -19.65
C PRO A 154 -12.10 -19.63 -20.06
N GLN A 155 -12.48 -19.78 -21.32
CA GLN A 155 -13.79 -19.32 -21.76
C GLN A 155 -14.77 -20.48 -21.98
N GLU A 167 -9.47 -24.82 -8.59
CA GLU A 167 -8.09 -25.12 -8.95
C GLU A 167 -8.06 -25.69 -10.37
N GLY A 168 -9.15 -26.36 -10.74
CA GLY A 168 -9.24 -26.93 -12.07
C GLY A 168 -9.33 -25.86 -13.12
N MET A 169 -10.12 -24.83 -12.85
CA MET A 169 -10.29 -23.71 -13.77
C MET A 169 -8.94 -23.02 -14.00
N ARG A 170 -8.16 -22.85 -12.94
CA ARG A 170 -6.85 -22.20 -13.07
C ARG A 170 -5.98 -22.96 -14.06
N LYS A 171 -5.94 -24.28 -13.94
CA LYS A 171 -5.11 -25.09 -14.82
C LYS A 171 -5.63 -25.05 -16.26
N GLN A 172 -6.96 -25.08 -16.43
CA GLN A 172 -7.51 -25.03 -17.79
CA GLN A 172 -7.51 -25.03 -17.79
C GLN A 172 -7.22 -23.69 -18.45
N GLY A 173 -7.40 -22.59 -17.72
CA GLY A 173 -7.07 -21.28 -18.26
C GLY A 173 -5.59 -21.14 -18.57
N LEU A 174 -4.74 -21.68 -17.69
CA LEU A 174 -3.31 -21.59 -17.93
C LEU A 174 -2.93 -22.39 -19.18
N PHE A 175 -3.54 -23.56 -19.37
N PHE A 175 -3.53 -23.57 -19.35
CA PHE A 175 -3.27 -24.35 -20.57
CA PHE A 175 -3.33 -24.38 -20.55
C PHE A 175 -3.70 -23.60 -21.82
C PHE A 175 -3.72 -23.61 -21.81
N GLN A 176 -4.90 -23.00 -21.80
CA GLN A 176 -5.34 -22.23 -22.97
C GLN A 176 -4.41 -21.06 -23.24
N TRP A 177 -3.92 -20.41 -22.17
CA TRP A 177 -3.00 -19.30 -22.36
C TRP A 177 -1.70 -19.77 -22.99
N LEU A 178 -1.08 -20.80 -22.41
CA LEU A 178 0.19 -21.33 -22.86
C LEU A 178 0.14 -21.93 -24.26
N ASP A 179 -0.96 -22.55 -24.65
CA ASP A 179 -1.00 -23.12 -26.00
C ASP A 179 -0.96 -22.08 -27.10
N SER A 180 -1.27 -20.83 -26.81
CA SER A 180 -1.27 -19.80 -27.82
C SER A 180 -0.11 -18.81 -27.77
N LEU A 181 0.84 -18.98 -26.84
CA LEU A 181 1.96 -18.00 -26.72
C LEU A 181 2.94 -18.08 -27.89
N GLN A 182 3.35 -16.92 -28.45
CA GLN A 182 4.32 -16.88 -29.51
C GLN A 182 5.57 -17.56 -28.95
N ILE A 183 6.30 -18.26 -29.80
CA ILE A 183 7.49 -18.96 -29.37
C ILE A 183 8.77 -18.28 -29.84
N ASP A 184 8.78 -17.81 -31.08
CA ASP A 184 9.96 -17.21 -31.70
C ASP A 184 10.12 -15.71 -31.54
N ASN A 185 9.03 -14.94 -31.51
CA ASN A 185 9.12 -13.48 -31.41
C ASN A 185 9.37 -13.16 -29.95
N LEU A 186 10.65 -12.95 -29.62
CA LEU A 186 11.09 -12.68 -28.26
C LEU A 186 10.59 -11.34 -27.74
N THR A 187 10.06 -10.47 -28.60
CA THR A 187 9.54 -9.18 -28.16
C THR A 187 8.02 -9.24 -28.01
N SER A 188 7.43 -10.43 -28.07
CA SER A 188 6.00 -10.58 -27.94
C SER A 188 5.51 -10.18 -26.55
N PRO A 189 4.66 -9.17 -26.45
CA PRO A 189 4.15 -8.74 -25.13
C PRO A 189 3.67 -9.87 -24.24
N ASP A 190 2.81 -10.75 -24.77
CA ASP A 190 2.30 -11.88 -24.00
C ASP A 190 3.43 -12.76 -23.49
N LEU A 191 4.46 -12.98 -24.32
CA LEU A 191 5.57 -13.81 -23.84
C LEU A 191 6.29 -13.15 -22.69
N GLN A 192 6.50 -11.83 -22.78
CA GLN A 192 7.17 -11.10 -21.71
C GLN A 192 6.36 -11.21 -20.41
N LEU A 193 5.03 -11.10 -20.51
CA LEU A 193 4.23 -11.21 -19.29
C LEU A 193 4.36 -12.61 -18.71
N THR A 194 4.32 -13.64 -19.56
CA THR A 194 4.43 -15.01 -19.07
C THR A 194 5.75 -15.22 -18.33
N VAL A 195 6.84 -14.73 -18.90
CA VAL A 195 8.14 -14.89 -18.24
C VAL A 195 8.16 -14.10 -16.94
N GLY A 196 7.52 -12.94 -16.91
CA GLY A 196 7.47 -12.17 -15.69
C GLY A 196 6.73 -12.96 -14.61
N ALA A 197 5.71 -13.70 -15.01
CA ALA A 197 4.97 -14.46 -14.01
C ALA A 197 5.83 -15.60 -13.51
N VAL A 198 6.69 -16.14 -14.38
CA VAL A 198 7.59 -17.21 -13.95
C VAL A 198 8.53 -16.67 -12.89
N ILE A 199 9.16 -15.53 -13.18
CA ILE A 199 10.09 -14.92 -12.24
C ILE A 199 9.38 -14.56 -10.93
N VAL A 200 8.12 -14.12 -11.01
CA VAL A 200 7.41 -13.78 -9.78
C VAL A 200 7.11 -15.06 -9.00
N GLU A 201 6.88 -16.18 -9.69
CA GLU A 201 6.63 -17.44 -9.01
C GLU A 201 7.85 -17.84 -8.21
N GLU A 202 9.03 -17.60 -8.81
CA GLU A 202 10.28 -17.91 -8.14
C GLU A 202 10.49 -16.98 -6.96
N MET A 203 10.24 -15.68 -7.17
CA MET A 203 10.39 -14.68 -6.11
C MET A 203 9.55 -15.04 -4.90
N ARG A 204 8.28 -15.38 -5.13
CA ARG A 204 7.38 -15.73 -4.03
C ARG A 204 7.82 -17.04 -3.37
N ALA A 205 8.37 -17.97 -4.15
CA ALA A 205 8.83 -19.22 -3.57
C ALA A 205 9.99 -18.94 -2.62
N ALA A 206 10.90 -18.06 -3.04
CA ALA A 206 12.03 -17.70 -2.19
C ALA A 206 11.53 -17.01 -0.91
N ILE A 207 10.61 -16.07 -1.07
CA ILE A 207 10.04 -15.36 0.07
C ILE A 207 9.46 -16.34 1.09
N GLU A 208 8.68 -17.31 0.63
CA GLU A 208 8.08 -18.28 1.55
C GLU A 208 9.15 -19.12 2.22
N ARG A 209 10.07 -19.68 1.42
CA ARG A 209 11.14 -20.52 1.93
C ARG A 209 11.97 -19.82 3.03
N GLU A 210 12.32 -18.55 2.81
CA GLU A 210 13.16 -17.85 3.77
C GLU A 210 12.41 -17.15 4.89
N THR A 211 11.12 -16.88 4.76
CA THR A 211 10.38 -16.19 5.82
C THR A 211 9.11 -16.87 6.26
N GLY A 212 8.55 -17.80 5.49
CA GLY A 212 7.30 -18.43 5.85
C GLY A 212 6.07 -17.66 5.47
N PHE A 213 6.24 -16.41 5.00
CA PHE A 213 5.14 -15.54 4.60
C PHE A 213 4.59 -15.88 3.22
N GLN A 214 3.28 -15.67 3.06
CA GLN A 214 2.58 -15.86 1.79
C GLN A 214 2.14 -14.50 1.26
N CYS A 215 1.87 -14.41 -0.04
CA CYS A 215 1.45 -13.13 -0.61
C CYS A 215 0.78 -13.36 -1.95
N SER A 216 0.32 -12.27 -2.55
CA SER A 216 -0.30 -12.31 -3.86
C SER A 216 0.44 -11.34 -4.75
N ALA A 217 0.26 -11.51 -6.05
CA ALA A 217 0.93 -10.62 -6.98
C ALA A 217 0.09 -10.46 -8.23
N GLY A 218 0.36 -9.37 -8.91
CA GLY A 218 -0.29 -9.06 -10.16
C GLY A 218 0.84 -8.81 -11.13
N ILE A 219 0.70 -9.31 -12.36
CA ILE A 219 1.71 -9.13 -13.39
C ILE A 219 1.02 -8.56 -14.62
N SER A 220 1.52 -7.42 -15.10
CA SER A 220 0.94 -6.76 -16.26
C SER A 220 2.00 -5.83 -16.86
N HIS A 221 1.55 -4.82 -17.60
CA HIS A 221 2.46 -3.86 -18.24
C HIS A 221 2.64 -2.54 -17.49
N ASN A 222 1.85 -2.26 -16.46
CA ASN A 222 2.01 -1.02 -15.73
C ASN A 222 1.53 -1.18 -14.29
N LYS A 223 1.84 -0.18 -13.46
CA LYS A 223 1.48 -0.22 -12.06
C LYS A 223 -0.03 -0.37 -11.83
N VAL A 224 -0.84 0.39 -12.58
CA VAL A 224 -2.29 0.34 -12.41
C VAL A 224 -2.85 -1.07 -12.63
N LEU A 225 -2.44 -1.70 -13.73
CA LEU A 225 -2.93 -3.06 -14.02
C LEU A 225 -2.35 -4.07 -13.06
N ALA A 226 -1.09 -3.90 -12.65
CA ALA A 226 -0.51 -4.82 -11.68
C ALA A 226 -1.28 -4.74 -10.37
N LYS A 227 -1.63 -3.53 -9.94
CA LYS A 227 -2.39 -3.37 -8.70
C LYS A 227 -3.73 -4.06 -8.80
N LEU A 228 -4.42 -3.89 -9.93
CA LEU A 228 -5.70 -4.56 -10.06
C LEU A 228 -5.55 -6.07 -10.11
N ALA A 229 -4.54 -6.55 -10.83
CA ALA A 229 -4.33 -7.98 -10.98
C ALA A 229 -3.98 -8.65 -9.66
N CYS A 230 -3.27 -7.94 -8.78
CA CYS A 230 -2.87 -8.56 -7.52
C CYS A 230 -4.06 -9.00 -6.70
N GLY A 231 -5.11 -8.19 -6.66
CA GLY A 231 -6.30 -8.50 -5.90
C GLY A 231 -7.32 -9.42 -6.52
N LEU A 232 -7.12 -9.85 -7.76
CA LEU A 232 -8.11 -10.71 -8.41
C LEU A 232 -8.17 -12.12 -7.83
N ASN A 233 -7.03 -12.68 -7.43
CA ASN A 233 -7.02 -14.04 -6.88
C ASN A 233 -6.16 -14.13 -5.62
N LYS A 234 -6.73 -13.74 -4.49
CA LYS A 234 -6.07 -13.84 -3.21
C LYS A 234 -6.71 -14.98 -2.42
N PRO A 235 -5.97 -15.67 -1.53
CA PRO A 235 -4.56 -15.50 -1.19
C PRO A 235 -3.60 -16.52 -1.79
N ASN A 236 -2.30 -16.29 -1.58
CA ASN A 236 -1.24 -17.18 -2.03
C ASN A 236 -1.41 -17.58 -3.50
N ARG A 237 -1.74 -16.60 -4.34
CA ARG A 237 -1.93 -16.82 -5.77
C ARG A 237 -1.47 -15.57 -6.49
N GLN A 238 -1.19 -15.70 -7.78
CA GLN A 238 -0.78 -14.56 -8.57
C GLN A 238 -1.60 -14.52 -9.85
N THR A 239 -1.88 -13.31 -10.34
CA THR A 239 -2.71 -13.12 -11.53
C THR A 239 -1.99 -12.34 -12.62
N LEU A 240 -2.05 -12.86 -13.85
CA LEU A 240 -1.45 -12.22 -15.01
C LEU A 240 -2.56 -11.54 -15.80
N VAL A 241 -2.44 -10.22 -16.04
CA VAL A 241 -3.44 -9.46 -16.80
C VAL A 241 -2.78 -8.92 -18.06
N SER A 242 -3.16 -9.48 -19.20
CA SER A 242 -2.62 -9.12 -20.49
C SER A 242 -3.36 -7.92 -21.07
N HIS A 243 -2.73 -7.29 -22.08
CA HIS A 243 -3.37 -6.15 -22.70
C HIS A 243 -4.69 -6.54 -23.32
N GLY A 244 -4.76 -7.74 -23.90
CA GLY A 244 -5.99 -8.21 -24.53
C GLY A 244 -7.11 -8.45 -23.55
N SER A 245 -6.80 -8.68 -22.28
CA SER A 245 -7.81 -8.94 -21.27
C SER A 245 -8.38 -7.66 -20.67
N VAL A 246 -7.74 -6.51 -20.93
CA VAL A 246 -8.18 -5.24 -20.35
C VAL A 246 -9.64 -4.91 -20.64
N PRO A 247 -10.12 -4.96 -21.90
CA PRO A 247 -11.53 -4.63 -22.14
C PRO A 247 -12.50 -5.40 -21.26
N GLN A 248 -12.32 -6.72 -21.19
CA GLN A 248 -13.20 -7.56 -20.36
C GLN A 248 -13.07 -7.19 -18.89
N LEU A 249 -11.83 -7.04 -18.41
CA LEU A 249 -11.59 -6.68 -17.01
C LEU A 249 -12.20 -5.34 -16.65
N PHE A 250 -12.20 -4.38 -17.59
CA PHE A 250 -12.73 -3.05 -17.36
C PHE A 250 -14.24 -2.97 -17.59
N SER A 251 -14.83 -3.94 -18.29
CA SER A 251 -16.26 -3.91 -18.56
C SER A 251 -17.09 -3.67 -17.29
N GLN A 252 -16.66 -4.20 -16.15
CA GLN A 252 -17.39 -3.99 -14.90
C GLN A 252 -16.44 -3.60 -13.79
N MET A 253 -15.39 -2.85 -14.12
CA MET A 253 -14.42 -2.42 -13.12
C MET A 253 -14.82 -1.03 -12.63
N PRO A 254 -15.17 -0.88 -11.35
CA PRO A 254 -15.56 0.44 -10.85
C PRO A 254 -14.42 1.45 -11.05
N ILE A 255 -14.79 2.61 -11.59
CA ILE A 255 -13.83 3.67 -11.84
C ILE A 255 -13.00 4.00 -10.61
N ARG A 256 -13.67 4.11 -9.45
CA ARG A 256 -12.98 4.48 -8.22
C ARG A 256 -12.01 3.43 -7.72
N LYS A 257 -11.89 2.29 -8.40
CA LYS A 257 -10.97 1.21 -8.04
C LYS A 257 -9.66 1.35 -8.77
N ILE A 258 -9.54 2.30 -9.69
CA ILE A 258 -8.31 2.46 -10.42
C ILE A 258 -7.41 3.36 -9.59
N ARG A 259 -6.15 2.97 -9.45
CA ARG A 259 -5.18 3.74 -8.70
C ARG A 259 -5.16 5.20 -9.17
N SER A 260 -5.28 6.12 -8.22
CA SER A 260 -5.32 7.58 -8.36
C SER A 260 -6.72 8.09 -8.70
N LEU A 261 -7.71 7.21 -8.86
CA LEU A 261 -9.06 7.66 -9.15
C LEU A 261 -10.01 7.35 -8.00
N GLY A 262 -9.48 7.04 -6.83
CA GLY A 262 -10.31 6.70 -5.69
C GLY A 262 -10.91 7.88 -4.96
N GLY A 263 -10.52 9.09 -5.33
CA GLY A 263 -11.03 10.25 -4.64
C GLY A 263 -11.95 11.15 -5.40
N LYS A 264 -11.69 12.45 -5.37
CA LYS A 264 -12.55 13.43 -6.01
C LYS A 264 -12.53 13.32 -7.53
N LEU A 265 -11.36 13.15 -8.14
CA LEU A 265 -11.29 13.04 -9.60
C LEU A 265 -12.16 11.90 -10.12
N GLY A 266 -12.02 10.70 -9.54
CA GLY A 266 -12.85 9.58 -9.97
C GLY A 266 -14.33 9.88 -9.83
N ALA A 267 -14.71 10.45 -8.68
CA ALA A 267 -16.10 10.80 -8.45
C ALA A 267 -16.57 11.79 -9.51
N SER A 268 -15.69 12.73 -9.85
CA SER A 268 -15.98 13.73 -10.87
C SER A 268 -16.22 13.07 -12.23
N VAL A 269 -15.41 12.07 -12.57
CA VAL A 269 -15.60 11.39 -13.84
C VAL A 269 -16.96 10.73 -13.87
N ILE A 270 -17.29 10.02 -12.80
CA ILE A 270 -18.58 9.34 -12.70
C ILE A 270 -19.73 10.34 -12.86
N GLU A 271 -19.71 11.43 -12.09
CA GLU A 271 -20.79 12.41 -12.12
C GLU A 271 -20.91 13.16 -13.44
N ILE A 272 -19.79 13.61 -14.01
CA ILE A 272 -19.86 14.40 -15.23
C ILE A 272 -20.18 13.54 -16.44
N LEU A 273 -19.69 12.32 -16.52
CA LEU A 273 -20.01 11.54 -17.70
C LEU A 273 -21.17 10.57 -17.50
N GLY A 274 -21.62 10.39 -16.26
CA GLY A 274 -22.72 9.46 -15.99
C GLY A 274 -22.36 8.04 -16.34
N ILE A 275 -21.24 7.56 -15.80
CA ILE A 275 -20.79 6.20 -16.02
C ILE A 275 -20.26 5.67 -14.70
N GLU A 276 -20.17 4.34 -14.61
CA GLU A 276 -19.68 3.66 -13.42
C GLU A 276 -18.45 2.79 -13.63
N TYR A 277 -18.25 2.25 -14.83
CA TYR A 277 -17.15 1.32 -15.04
C TYR A 277 -16.07 1.91 -15.94
N MET A 278 -14.83 1.54 -15.64
CA MET A 278 -13.68 2.02 -16.40
C MET A 278 -13.87 1.83 -17.90
N GLY A 279 -14.32 0.63 -18.31
CA GLY A 279 -14.52 0.36 -19.72
C GLY A 279 -15.44 1.33 -20.46
N GLU A 280 -16.34 2.01 -19.75
CA GLU A 280 -17.22 2.92 -20.46
C GLU A 280 -16.49 4.16 -20.93
N LEU A 281 -15.35 4.48 -20.32
CA LEU A 281 -14.61 5.64 -20.79
C LEU A 281 -14.13 5.45 -22.21
N THR A 282 -14.02 4.19 -22.67
CA THR A 282 -13.54 3.95 -24.04
C THR A 282 -14.40 4.65 -25.08
N GLN A 283 -15.69 4.89 -24.80
CA GLN A 283 -16.52 5.50 -25.84
C GLN A 283 -16.28 7.00 -26.06
N PHE A 284 -15.57 7.68 -25.18
CA PHE A 284 -15.36 9.11 -25.34
C PHE A 284 -14.07 9.37 -26.10
N THR A 285 -14.07 10.45 -26.86
CA THR A 285 -12.86 10.82 -27.58
C THR A 285 -11.89 11.53 -26.66
N GLU A 286 -10.60 11.52 -27.02
CA GLU A 286 -9.60 12.19 -26.22
C GLU A 286 -9.91 13.68 -26.06
N SER A 287 -10.38 14.34 -27.12
CA SER A 287 -10.71 15.76 -27.01
C SER A 287 -11.86 15.99 -26.04
N GLN A 288 -12.86 15.10 -26.03
CA GLN A 288 -13.96 15.22 -25.07
C GLN A 288 -13.45 15.13 -23.62
N LEU A 289 -12.58 14.15 -23.36
CA LEU A 289 -12.04 13.99 -22.02
C LEU A 289 -11.18 15.19 -21.63
N GLN A 290 -10.47 15.77 -22.60
CA GLN A 290 -9.64 16.94 -22.26
C GLN A 290 -10.52 18.16 -22.04
N SER A 291 -11.63 18.26 -22.76
CA SER A 291 -12.51 19.40 -22.58
C SER A 291 -13.25 19.31 -21.26
N HIS A 292 -13.28 18.13 -20.65
CA HIS A 292 -14.01 17.98 -19.39
C HIS A 292 -13.09 17.84 -18.18
N PHE A 293 -11.88 17.34 -18.37
CA PHE A 293 -11.00 17.13 -17.22
C PHE A 293 -9.65 17.83 -17.37
N GLY A 294 -9.42 18.51 -18.48
CA GLY A 294 -8.16 19.18 -18.67
C GLY A 294 -7.26 18.36 -19.58
N GLU A 295 -6.27 19.03 -20.18
CA GLU A 295 -5.36 18.33 -21.08
C GLU A 295 -4.71 17.11 -20.44
N LYS A 296 -4.06 17.30 -19.29
CA LYS A 296 -3.34 16.20 -18.65
C LYS A 296 -4.26 15.07 -18.18
N ASN A 297 -5.31 15.40 -17.40
CA ASN A 297 -6.17 14.31 -16.94
C ASN A 297 -6.99 13.71 -18.06
N GLY A 298 -7.37 14.51 -19.05
CA GLY A 298 -8.14 13.98 -20.17
C GLY A 298 -7.33 12.97 -20.94
N SER A 299 -6.07 13.30 -21.23
CA SER A 299 -5.24 12.37 -21.96
C SER A 299 -4.93 11.14 -21.12
N TRP A 300 -4.68 11.33 -19.82
CA TRP A 300 -4.38 10.20 -18.95
C TRP A 300 -5.55 9.23 -18.91
N LEU A 301 -6.77 9.76 -18.78
CA LEU A 301 -7.95 8.91 -18.73
C LEU A 301 -8.14 8.20 -20.07
N TYR A 302 -7.92 8.92 -21.17
CA TYR A 302 -8.07 8.33 -22.49
C TYR A 302 -7.18 7.12 -22.64
N ALA A 303 -5.93 7.23 -22.21
CA ALA A 303 -5.05 6.08 -22.35
C ALA A 303 -5.33 5.01 -21.29
N MET A 304 -5.63 5.42 -20.05
CA MET A 304 -5.85 4.45 -18.98
C MET A 304 -7.05 3.55 -19.22
N CYS A 305 -8.13 4.09 -19.79
CA CYS A 305 -9.27 3.19 -20.01
C CYS A 305 -8.97 2.15 -21.06
N ARG A 306 -7.84 2.29 -21.75
CA ARG A 306 -7.39 1.34 -22.75
C ARG A 306 -6.24 0.51 -22.23
N GLY A 307 -5.99 0.54 -20.92
CA GLY A 307 -4.93 -0.23 -20.31
C GLY A 307 -3.55 0.36 -20.45
N ILE A 308 -3.42 1.63 -20.86
CA ILE A 308 -2.13 2.26 -21.08
C ILE A 308 -1.86 3.26 -19.97
N GLU A 309 -0.69 3.10 -19.32
CA GLU A 309 -0.23 3.93 -18.22
C GLU A 309 1.28 3.86 -18.17
N HIS A 310 1.95 4.99 -17.89
CA HIS A 310 3.41 5.00 -17.90
C HIS A 310 4.16 5.33 -16.59
N ASP A 311 3.49 5.48 -15.43
CA ASP A 311 4.26 5.81 -14.23
C ASP A 311 5.39 4.80 -14.01
N PRO A 312 6.64 5.24 -14.08
CA PRO A 312 7.75 4.29 -13.91
C PRO A 312 7.98 3.82 -12.50
N VAL A 313 8.52 2.61 -12.41
CA VAL A 313 8.93 1.96 -11.16
C VAL A 313 10.27 2.60 -10.80
N LYS A 314 10.35 3.25 -9.66
CA LYS A 314 11.44 4.01 -9.09
C LYS A 314 12.11 3.18 -7.99
N PRO A 315 13.40 2.81 -8.25
CA PRO A 315 14.19 2.02 -7.32
C PRO A 315 14.42 2.69 -5.99
N ARG A 316 15.24 1.98 -5.21
CA ARG A 316 15.59 2.42 -3.88
C ARG A 316 15.55 3.93 -3.79
N GLN A 317 14.77 4.41 -2.85
CA GLN A 317 14.64 5.84 -2.61
C GLN A 317 14.60 5.97 -1.11
N LEU A 318 15.39 6.87 -0.62
CA LEU A 318 15.48 7.09 0.80
C LEU A 318 14.26 7.98 1.12
N PRO A 319 13.52 7.75 2.23
CA PRO A 319 12.32 8.56 2.40
C PRO A 319 12.67 10.02 2.56
N LYS A 320 11.74 10.83 2.07
CA LYS A 320 11.85 12.27 2.06
C LYS A 320 11.36 12.91 3.33
N THR A 321 10.59 12.19 4.12
CA THR A 321 10.08 12.70 5.39
C THR A 321 9.91 11.54 6.35
N ILE A 322 9.99 11.87 7.64
CA ILE A 322 9.77 10.91 8.73
C ILE A 322 8.87 11.64 9.70
N GLY A 323 7.72 11.08 10.01
CA GLY A 323 6.94 11.86 10.94
C GLY A 323 5.93 11.01 11.67
N CYS A 324 5.24 11.65 12.58
CA CYS A 324 4.21 10.94 13.29
C CYS A 324 3.27 11.99 13.84
N SER A 325 2.06 11.53 14.13
CA SER A 325 1.03 12.42 14.60
C SER A 325 0.03 11.65 15.42
N LYS A 326 -0.94 12.38 15.95
CA LYS A 326 -1.96 11.72 16.73
C LYS A 326 -3.18 12.63 16.70
N ASN A 327 -4.35 12.00 16.70
CA ASN A 327 -5.63 12.69 16.67
C ASN A 327 -6.32 12.52 18.00
N PHE A 328 -7.03 13.56 18.43
CA PHE A 328 -7.74 13.57 19.70
C PHE A 328 -9.13 14.05 19.34
N PRO A 329 -10.01 13.13 18.95
CA PRO A 329 -11.37 13.50 18.55
C PRO A 329 -12.34 13.75 19.70
N GLY A 330 -13.28 14.66 19.44
CA GLY A 330 -14.34 15.04 20.36
C GLY A 330 -13.88 15.43 21.74
N LYS A 331 -14.35 14.66 22.74
CA LYS A 331 -13.98 14.88 24.13
C LYS A 331 -12.46 14.94 24.30
N THR A 332 -11.74 14.00 23.66
CA THR A 332 -10.29 13.87 23.78
C THR A 332 -9.52 15.11 23.30
N ALA A 333 -10.13 16.01 22.54
CA ALA A 333 -9.48 17.22 22.04
C ALA A 333 -8.57 17.83 23.11
N LEU A 334 -7.35 18.18 22.70
CA LEU A 334 -6.36 18.75 23.61
C LEU A 334 -6.83 20.16 23.99
N ALA A 335 -7.21 20.35 25.25
CA ALA A 335 -7.74 21.61 25.76
C ALA A 335 -6.81 22.46 26.61
N THR A 336 -5.97 21.88 27.46
CA THR A 336 -5.09 22.70 28.29
C THR A 336 -3.71 22.85 27.64
N ARG A 337 -2.94 23.81 28.16
CA ARG A 337 -1.59 24.03 27.68
C ARG A 337 -0.71 22.83 28.01
N GLU A 338 -0.92 22.25 29.20
CA GLU A 338 -0.15 21.09 29.64
C GLU A 338 -0.33 19.92 28.66
N GLN A 339 -1.56 19.68 28.24
CA GLN A 339 -1.84 18.59 27.32
C GLN A 339 -1.06 18.77 26.02
N VAL A 340 -1.10 19.96 25.44
CA VAL A 340 -0.40 20.19 24.18
C VAL A 340 1.11 20.01 24.35
N GLN A 341 1.65 20.47 25.48
CA GLN A 341 3.09 20.29 25.72
C GLN A 341 3.43 18.80 25.84
N TRP A 342 2.62 18.04 26.61
CA TRP A 342 2.85 16.62 26.79
C TRP A 342 2.78 15.83 25.50
N TRP A 343 1.73 16.05 24.71
CA TRP A 343 1.64 15.28 23.48
C TRP A 343 2.72 15.68 22.49
N LEU A 344 3.13 16.94 22.49
CA LEU A 344 4.22 17.29 21.58
C LEU A 344 5.47 16.56 22.00
N LEU A 345 5.72 16.47 23.31
CA LEU A 345 6.89 15.75 23.79
C LEU A 345 6.81 14.27 23.42
N GLN A 346 5.64 13.67 23.63
CA GLN A 346 5.43 12.23 23.31
C GLN A 346 5.74 11.98 21.83
N LEU A 347 5.24 12.84 20.94
CA LEU A 347 5.46 12.71 19.51
C LEU A 347 6.93 12.86 19.20
N ALA A 348 7.57 13.88 19.81
CA ALA A 348 8.99 14.11 19.57
C ALA A 348 9.84 12.95 20.04
N GLN A 349 9.40 12.22 21.07
CA GLN A 349 10.20 11.09 21.55
C GLN A 349 10.13 9.96 20.54
N GLU A 350 8.95 9.73 19.96
CA GLU A 350 8.87 8.71 18.92
C GLU A 350 9.69 9.13 17.71
N LEU A 351 9.57 10.40 17.34
CA LEU A 351 10.33 10.96 16.23
C LEU A 351 11.80 10.75 16.43
N GLU A 352 12.29 11.08 17.62
CA GLU A 352 13.71 10.92 17.93
C GLU A 352 14.15 9.49 17.72
N GLU A 353 13.37 8.52 18.22
CA GLU A 353 13.73 7.11 18.04
C GLU A 353 13.88 6.77 16.57
N ARG A 354 12.92 7.21 15.76
CA ARG A 354 12.96 6.90 14.33
C ARG A 354 14.06 7.68 13.62
N LEU A 355 14.21 8.95 13.94
CA LEU A 355 15.26 9.75 13.32
C LEU A 355 16.63 9.14 13.61
N THR A 356 16.81 8.64 14.83
CA THR A 356 18.08 8.02 15.22
C THR A 356 18.34 6.79 14.36
N LYS A 357 17.34 5.90 14.24
CA LYS A 357 17.57 4.74 13.38
C LYS A 357 17.87 5.18 11.95
N ASP A 358 17.14 6.18 11.45
CA ASP A 358 17.38 6.69 10.10
C ASP A 358 18.82 7.15 9.91
N ARG A 359 19.34 7.92 10.87
CA ARG A 359 20.71 8.42 10.79
C ARG A 359 21.71 7.29 10.89
N ASN A 360 21.39 6.27 11.67
CA ASN A 360 22.31 5.13 11.81
C ASN A 360 22.39 4.37 10.48
N ASP A 361 21.24 4.12 9.86
CA ASP A 361 21.17 3.36 8.62
C ASP A 361 21.59 4.14 7.37
N ASN A 362 21.29 5.43 7.25
CA ASN A 362 21.62 6.12 6.00
C ASN A 362 22.61 7.27 6.09
N ASP A 363 23.22 7.51 7.26
CA ASP A 363 24.24 8.56 7.41
C ASP A 363 23.83 9.91 6.83
N ARG A 364 22.60 10.31 7.11
CA ARG A 364 22.06 11.59 6.71
C ARG A 364 21.29 12.17 7.90
N VAL A 365 21.15 13.49 7.94
CA VAL A 365 20.45 14.13 9.05
C VAL A 365 19.37 15.07 8.52
N ALA A 366 18.23 15.07 9.19
CA ALA A 366 17.11 15.92 8.86
C ALA A 366 17.43 17.33 9.33
N THR A 367 17.12 18.34 8.50
CA THR A 367 17.43 19.73 8.86
C THR A 367 16.20 20.60 9.11
N GLN A 368 14.99 20.09 8.91
CA GLN A 368 13.80 20.90 9.12
C GLN A 368 12.74 20.11 9.86
N LEU A 369 12.03 20.79 10.75
CA LEU A 369 10.97 20.19 11.53
C LEU A 369 9.68 20.91 11.18
N VAL A 370 8.67 20.15 10.76
CA VAL A 370 7.39 20.71 10.40
C VAL A 370 6.39 20.34 11.49
N VAL A 371 5.66 21.34 11.97
CA VAL A 371 4.65 21.15 12.99
C VAL A 371 3.32 21.50 12.34
N SER A 372 2.35 20.62 12.50
CA SER A 372 1.04 20.85 11.92
C SER A 372 0.02 20.50 12.98
N ILE A 373 -1.08 21.26 13.02
CA ILE A 373 -2.13 21.01 14.00
C ILE A 373 -3.49 21.24 13.35
N ARG A 374 -4.51 20.65 13.95
CA ARG A 374 -5.90 20.82 13.53
CA ARG A 374 -5.89 20.85 13.54
C ARG A 374 -6.70 21.23 14.75
N VAL A 375 -7.51 22.30 14.61
CA VAL A 375 -8.36 22.76 15.70
C VAL A 375 -9.77 22.18 15.54
N GLN A 376 -10.37 21.81 16.67
CA GLN A 376 -11.70 21.22 16.68
C GLN A 376 -12.68 22.11 15.91
N GLY A 377 -13.48 21.50 15.04
CA GLY A 377 -14.44 22.26 14.26
C GLY A 377 -14.02 22.56 12.84
N ASP A 378 -12.77 22.33 12.48
CA ASP A 378 -12.26 22.59 11.14
C ASP A 378 -12.42 21.39 10.24
N LYS A 379 -13.04 21.60 9.09
CA LYS A 379 -13.27 20.51 8.14
C LYS A 379 -11.97 20.08 7.47
N ARG A 380 -11.03 21.01 7.28
CA ARG A 380 -9.78 20.65 6.63
C ARG A 380 -9.03 19.59 7.43
N LEU A 381 -8.18 18.84 6.73
CA LEU A 381 -7.39 17.79 7.39
C LEU A 381 -6.48 18.39 8.47
N SER A 382 -5.85 19.53 8.18
CA SER A 382 -4.96 20.21 9.11
C SER A 382 -5.33 21.69 9.13
N SER A 383 -5.32 22.28 10.32
CA SER A 383 -5.67 23.70 10.46
C SER A 383 -4.50 24.57 10.09
N LEU A 384 -3.28 24.17 10.43
CA LEU A 384 -2.16 25.03 10.06
C LEU A 384 -0.86 24.27 10.19
N ARG A 385 0.19 24.85 9.60
CA ARG A 385 1.51 24.27 9.65
C ARG A 385 2.60 25.33 9.60
N ARG A 386 3.62 25.11 10.42
CA ARG A 386 4.77 26.00 10.55
C ARG A 386 6.04 25.16 10.60
N CYS A 387 7.17 25.78 10.29
N CYS A 387 7.17 25.79 10.28
CA CYS A 387 8.43 25.06 10.16
CA CYS A 387 8.44 25.11 10.17
C CYS A 387 9.51 25.74 10.99
C CYS A 387 9.47 25.75 11.09
N CYS A 388 10.40 24.93 11.58
CA CYS A 388 11.53 25.43 12.35
C CYS A 388 12.73 24.52 12.13
N ALA A 389 13.90 25.01 12.53
CA ALA A 389 15.12 24.24 12.37
C ALA A 389 15.11 22.97 13.23
N LEU A 390 15.74 21.91 12.70
CA LEU A 390 15.88 20.65 13.42
C LEU A 390 17.38 20.45 13.53
N THR A 391 17.98 21.07 14.54
CA THR A 391 19.43 20.99 14.73
C THR A 391 19.90 19.72 15.45
N ARG A 392 19.26 19.40 16.57
CA ARG A 392 19.64 18.26 17.41
C ARG A 392 18.55 17.22 17.55
N TYR A 393 18.97 15.96 17.52
CA TYR A 393 18.05 14.84 17.67
C TYR A 393 17.70 14.66 19.15
N ASP A 394 17.11 15.70 19.74
CA ASP A 394 16.69 15.65 21.14
C ASP A 394 15.19 15.91 21.19
N ALA A 395 14.44 14.89 21.60
CA ALA A 395 12.99 15.01 21.70
C ALA A 395 12.56 16.19 22.55
N HIS A 396 13.27 16.44 23.65
CA HIS A 396 12.89 17.54 24.54
C HIS A 396 13.04 18.88 23.82
N LYS A 397 14.16 19.07 23.14
CA LYS A 397 14.40 20.32 22.41
C LYS A 397 13.35 20.48 21.32
N MET A 398 13.14 19.42 20.52
CA MET A 398 12.16 19.47 19.45
C MET A 398 10.78 19.83 19.99
N SER A 399 10.42 19.25 21.13
CA SER A 399 9.12 19.52 21.74
C SER A 399 8.99 21.00 22.08
N HIS A 400 10.07 21.61 22.58
CA HIS A 400 9.98 23.04 22.91
C HIS A 400 9.94 23.91 21.66
N ASP A 401 10.65 23.50 20.62
CA ASP A 401 10.64 24.28 19.38
C ASP A 401 9.25 24.26 18.74
N ALA A 402 8.64 23.06 18.69
CA ALA A 402 7.31 22.91 18.11
C ALA A 402 6.32 23.72 18.89
N PHE A 403 6.45 23.70 20.22
CA PHE A 403 5.52 24.46 21.03
C PHE A 403 5.67 25.93 20.71
N THR A 404 6.91 26.41 20.49
CA THR A 404 7.12 27.82 20.20
C THR A 404 6.44 28.25 18.91
N VAL A 405 6.48 27.41 17.87
CA VAL A 405 5.82 27.87 16.64
C VAL A 405 4.29 27.81 16.77
N ILE A 406 3.75 26.83 17.49
CA ILE A 406 2.29 26.67 17.74
C ILE A 406 1.68 27.54 18.85
N LYS A 407 2.50 28.14 19.71
CA LYS A 407 2.03 28.93 20.86
C LYS A 407 1.15 30.10 20.48
N ASN A 408 1.39 30.75 19.36
CA ASN A 408 0.59 31.89 18.98
C ASN A 408 -0.89 31.50 18.81
N CYS A 409 -1.16 30.27 18.33
CA CYS A 409 -2.48 29.70 18.04
C CYS A 409 -3.44 29.60 19.24
N ASN A 410 -3.00 29.86 20.46
CA ASN A 410 -3.90 29.74 21.61
C ASN A 410 -4.59 31.09 21.79
N THR A 411 -5.77 31.24 21.17
CA THR A 411 -6.50 32.51 21.21
C THR A 411 -7.39 32.53 22.45
N SER A 412 -6.72 32.70 23.59
CA SER A 412 -7.39 32.76 24.88
C SER A 412 -6.43 33.41 25.86
N GLY A 413 -6.85 34.53 26.46
CA GLY A 413 -5.99 35.21 27.43
C GLY A 413 -5.84 34.46 28.73
N ILE A 414 -6.77 33.56 29.03
CA ILE A 414 -6.67 32.74 30.22
C ILE A 414 -5.61 31.67 30.02
N GLN A 415 -4.69 31.56 30.98
CA GLN A 415 -3.62 30.57 30.89
C GLN A 415 -4.08 29.20 31.40
N THR A 416 -5.29 29.13 31.93
CA THR A 416 -5.88 27.90 32.43
C THR A 416 -6.28 26.97 31.28
N GLU A 417 -6.41 27.47 30.04
CA GLU A 417 -6.76 26.52 29.00
C GLU A 417 -6.20 26.95 27.64
N TRP A 418 -6.51 26.11 26.65
CA TRP A 418 -6.19 26.16 25.21
C TRP A 418 -7.44 26.38 24.36
N SER A 419 -7.46 27.42 23.55
CA SER A 419 -8.64 27.72 22.72
C SER A 419 -8.30 28.25 21.33
N PRO A 420 -8.84 27.60 20.28
CA PRO A 420 -9.73 26.42 20.29
C PRO A 420 -9.02 25.15 20.64
N PRO A 421 -9.69 24.07 21.05
CA PRO A 421 -8.93 22.88 21.38
C PRO A 421 -8.33 22.24 20.13
N LEU A 422 -7.32 21.42 20.36
CA LEU A 422 -6.63 20.71 19.29
C LEU A 422 -7.15 19.29 19.14
N THR A 423 -7.43 18.89 17.91
CA THR A 423 -7.87 17.53 17.63
C THR A 423 -6.80 16.77 16.88
N MET A 424 -5.63 17.38 16.65
CA MET A 424 -4.55 16.73 15.93
C MET A 424 -3.22 17.44 16.12
N LEU A 425 -2.17 16.66 16.30
CA LEU A 425 -0.82 17.18 16.44
C LEU A 425 0.02 16.36 15.48
N PHE A 426 0.86 17.01 14.69
CA PHE A 426 1.65 16.26 13.73
C PHE A 426 3.05 16.87 13.71
N LEU A 427 4.06 16.03 13.77
CA LEU A 427 5.44 16.47 13.74
C LEU A 427 6.09 15.71 12.61
N CYS A 428 6.93 16.40 11.85
CA CYS A 428 7.53 15.76 10.70
C CYS A 428 8.91 16.31 10.46
N ALA A 429 9.86 15.42 10.23
CA ALA A 429 11.24 15.78 9.97
C ALA A 429 11.43 15.63 8.47
N THR A 430 11.99 16.66 7.84
CA THR A 430 12.21 16.63 6.41
C THR A 430 13.50 17.39 6.08
N LYS A 431 13.67 17.70 4.78
CA LYS A 431 14.85 18.38 4.26
C LYS A 431 16.12 17.62 4.69
N PHE A 432 16.15 16.33 4.36
CA PHE A 432 17.29 15.47 4.66
C PHE A 432 18.50 15.83 3.81
N SER A 433 19.69 15.64 4.38
CA SER A 433 20.93 15.91 3.67
C SER A 433 22.12 15.33 4.42
P 02I C 3 -10.09 6.41 14.63
N1 02I C 3 -6.19 0.40 12.03
C2 02I C 3 -5.13 0.58 12.84
N3 02I C 3 -4.99 1.43 13.85
C4 02I C 3 -6.11 2.17 13.98
C5 02I C 3 -7.27 2.12 13.24
C6 02I C 3 -7.30 1.17 12.20
N6 02I C 3 -8.33 0.96 11.37
N7 02I C 3 -8.20 3.04 13.69
C8 02I C 3 -7.59 3.63 14.69
N9 02I C 3 -6.32 3.14 14.90
C1' 02I C 3 -5.41 3.62 15.95
C2' 02I C 3 -4.68 4.86 15.51
OP2 02I C 3 -10.19 7.37 13.47
C3' 02I C 3 -5.79 5.91 15.61
O3' 02I C 3 -5.29 7.10 16.20
C4' 02I C 3 -6.91 5.22 16.41
O4' 02I C 3 -6.29 4.04 16.98
C5' 02I C 3 -8.11 4.76 15.57
O5' 02I C 3 -8.53 5.86 14.75
OP1 02I C 3 -10.61 7.06 15.91
NI NI D . 11.24 21.37 28.99
PA TTP E . -3.67 -4.47 4.06
O1A TTP E . -2.73 -4.85 2.94
O2A TTP E . -4.68 -3.47 3.55
O3A TTP E . -4.44 -5.81 4.62
PB TTP E . -3.91 -7.29 5.10
O1B TTP E . -2.43 -7.40 4.82
O2B TTP E . -4.16 -7.47 6.58
O3B TTP E . -4.71 -8.46 4.26
PG TTP E . -5.00 -8.67 2.70
O1G TTP E . -4.99 -10.14 2.38
O2G TTP E . -3.94 -7.97 1.89
O3G TTP E . -6.36 -8.09 2.36
O5' TTP E . -2.80 -3.79 5.29
C5' TTP E . -1.53 -4.29 5.58
C4' TTP E . -1.26 -4.17 7.10
O4' TTP E . -1.47 -2.80 7.53
C3' TTP E . -2.25 -5.03 7.88
O3' TTP E . -1.66 -6.31 8.22
C2' TTP E . -2.51 -4.22 9.13
C1' TTP E . -2.27 -2.78 8.71
N1 TTP E . -3.51 -2.02 8.45
C2 TTP E . -4.28 -1.42 9.55
O2 TTP E . -3.88 -1.55 10.67
N3 TTP E . -5.46 -0.69 9.39
C4 TTP E . -5.87 -0.57 8.12
O4 TTP E . -6.94 0.09 7.91
C5 TTP E . -5.19 -1.13 6.91
C5M TTP E . -5.74 -0.93 5.51
C6 TTP E . -4.03 -1.86 7.16
CA CA F . -1.92 -7.07 2.56
C1 EDO G . 3.81 17.65 6.09
O1 EDO G . 3.21 18.95 6.17
C2 EDO G . 4.56 17.50 4.77
O2 EDO G . 5.74 18.32 4.75
C1 GOL H . -8.83 12.63 -30.93
O1 GOL H . -9.09 13.69 -30.05
C2 GOL H . -8.50 11.37 -30.07
O2 GOL H . -9.57 10.49 -29.90
C3 GOL H . -7.24 10.71 -30.69
O3 GOL H . -6.71 9.86 -29.72
C1 GOL I . -2.86 10.28 -12.49
O1 GOL I . -1.58 10.85 -12.46
C2 GOL I . -3.87 11.46 -12.64
O2 GOL I . -5.14 11.11 -12.25
C3 GOL I . -3.83 11.87 -14.13
O3 GOL I . -2.55 12.38 -14.39
C1 GOL J . -19.79 8.12 -27.30
O1 GOL J . -20.75 8.27 -26.30
C2 GOL J . -19.53 9.54 -27.89
O2 GOL J . -18.41 9.57 -28.72
C3 GOL J . -19.34 10.45 -26.67
O3 GOL J . -19.98 11.65 -26.93
#